data_4K00
#
_entry.id   4K00
#
_cell.length_a   54.496
_cell.length_b   54.496
_cell.length_c   191.093
_cell.angle_alpha   90.00
_cell.angle_beta   90.00
_cell.angle_gamma   90.00
#
_symmetry.space_group_name_H-M   'P 41 21 2'
#
loop_
_entity.id
_entity.type
_entity.pdbx_description
1 polymer '1,4-dihydroxy-2-naphthoyl-CoA hydrolase'
2 non-polymer 1,2-ETHANEDIOL
3 water water
#
_entity_poly.entity_id   1
_entity_poly.type   'polypeptide(L)'
_entity_poly.pdbx_seq_one_letter_code
;GSHMGTFTYERQVYLADTDGAGVVYFNQFLQMCHEAYESWLSSEHLSLQNIISVGDFALPLVHASIDFFAPAHCGDRLLV
NLTITQASAHRFCCDYEISQAESAQLLARAQTHHVCIALPERKKAPLPQPWQTAICDLDHP
;
_entity_poly.pdbx_strand_id   A,B
#
loop_
_chem_comp.id
_chem_comp.type
_chem_comp.name
_chem_comp.formula
EDO non-polymer 1,2-ETHANEDIOL 'C2 H6 O2'
#
# COMPACT_ATOMS: atom_id res chain seq x y z
N GLY A 5 20.17 -8.57 3.51
CA GLY A 5 20.29 -7.67 2.33
C GLY A 5 19.96 -6.23 2.68
N THR A 6 20.65 -5.30 2.02
CA THR A 6 20.29 -3.89 2.12
C THR A 6 20.44 -3.23 0.76
N PHE A 7 19.74 -2.11 0.58
CA PHE A 7 19.78 -1.39 -0.67
C PHE A 7 19.34 0.05 -0.48
N THR A 8 19.95 0.97 -1.22
CA THR A 8 19.45 2.33 -1.30
C THR A 8 19.01 2.65 -2.73
N TYR A 9 17.73 2.98 -2.86
CA TYR A 9 17.12 3.26 -4.16
C TYR A 9 16.81 4.73 -4.26
N GLU A 10 17.36 5.36 -5.29
CA GLU A 10 17.13 6.77 -5.52
C GLU A 10 15.93 6.97 -6.46
N ARG A 11 15.03 7.86 -6.08
CA ARG A 11 13.76 8.00 -6.80
C ARG A 11 13.37 9.47 -6.88
N GLN A 12 13.29 9.97 -8.11
CA GLN A 12 12.68 11.26 -8.41
C GLN A 12 11.16 11.20 -8.36
N VAL A 13 10.54 12.22 -7.77
CA VAL A 13 9.09 12.32 -7.78
C VAL A 13 8.65 12.93 -9.10
N TYR A 14 7.79 12.22 -9.82
CA TYR A 14 7.29 12.72 -11.10
C TYR A 14 5.90 13.26 -10.92
N LEU A 15 5.41 14.00 -11.92
CA LEU A 15 4.09 14.61 -11.80
C LEU A 15 3.04 13.55 -11.47
N ALA A 16 3.13 12.41 -12.13
CA ALA A 16 2.15 11.33 -11.96
C ALA A 16 2.09 10.79 -10.53
N ASP A 17 3.19 10.94 -9.78
CA ASP A 17 3.24 10.46 -8.39
C ASP A 17 2.39 11.33 -7.46
N THR A 18 2.08 12.53 -7.92
CA THR A 18 1.40 13.51 -7.07
C THR A 18 -0.11 13.51 -7.31
N ASP A 19 -0.85 14.14 -6.41
CA ASP A 19 -2.30 14.23 -6.54
C ASP A 19 -2.79 15.66 -6.40
N GLY A 20 -4.10 15.83 -6.47
CA GLY A 20 -4.71 17.15 -6.52
C GLY A 20 -4.57 17.95 -5.24
N ALA A 21 -4.02 17.33 -4.21
CA ALA A 21 -3.77 18.07 -2.97
C ALA A 21 -2.40 18.72 -3.04
N GLY A 22 -1.66 18.41 -4.11
CA GLY A 22 -0.36 19.02 -4.35
C GLY A 22 0.82 18.22 -3.82
N VAL A 23 0.58 17.00 -3.34
CA VAL A 23 1.63 16.18 -2.72
C VAL A 23 1.62 14.76 -3.31
N VAL A 24 2.64 13.98 -2.98
CA VAL A 24 2.69 12.57 -3.39
C VAL A 24 1.51 11.79 -2.79
N TYR A 25 0.77 11.11 -3.67
CA TYR A 25 -0.37 10.26 -3.27
C TYR A 25 0.12 9.06 -2.46
N PHE A 26 -0.62 8.70 -1.42
CA PHE A 26 -0.14 7.77 -0.40
C PHE A 26 0.38 6.48 -1.05
N ASN A 27 -0.37 6.00 -2.04
CA ASN A 27 -0.13 4.69 -2.65
C ASN A 27 1.12 4.69 -3.50
N GLN A 28 1.51 5.87 -3.98
CA GLN A 28 2.74 6.00 -4.77
C GLN A 28 4.01 5.79 -3.93
N PHE A 29 4.00 6.16 -2.65
CA PHE A 29 5.10 5.81 -1.77
C PHE A 29 5.28 4.29 -1.68
N LEU A 30 4.18 3.54 -1.59
CA LEU A 30 4.24 2.08 -1.57
C LEU A 30 4.77 1.54 -2.88
N GLN A 31 4.38 2.15 -4.00
CA GLN A 31 4.93 1.80 -5.31
C GLN A 31 6.45 1.97 -5.31
N MET A 32 6.94 3.07 -4.73
CA MET A 32 8.38 3.35 -4.70
C MET A 32 9.10 2.30 -3.87
N CYS A 33 8.44 1.80 -2.83
CA CYS A 33 8.99 0.69 -2.02
C CYS A 33 9.16 -0.57 -2.85
N HIS A 34 8.14 -0.94 -3.61
CA HIS A 34 8.23 -2.13 -4.44
C HIS A 34 9.32 -1.97 -5.50
N GLU A 35 9.45 -0.75 -6.06
CA GLU A 35 10.54 -0.45 -6.98
C GLU A 35 11.92 -0.65 -6.36
N ALA A 36 12.08 -0.23 -5.10
CA ALA A 36 13.35 -0.42 -4.39
C ALA A 36 13.65 -1.90 -4.28
N TYR A 37 12.62 -2.66 -3.92
CA TYR A 37 12.70 -4.11 -3.88
C TYR A 37 13.13 -4.65 -5.24
N GLU A 38 12.49 -4.18 -6.30
CA GLU A 38 12.82 -4.63 -7.65
C GLU A 38 14.22 -4.23 -8.07
N SER A 39 14.67 -3.05 -7.65
CA SER A 39 16.00 -2.59 -8.01
C SER A 39 17.04 -3.42 -7.25
N TRP A 40 16.74 -3.76 -6.02
CA TRP A 40 17.62 -4.62 -5.26
C TRP A 40 17.74 -5.99 -5.94
N LEU A 41 16.61 -6.57 -6.33
CA LEU A 41 16.60 -7.82 -7.09
C LEU A 41 17.50 -7.76 -8.31
N SER A 42 17.37 -6.68 -9.07
N SER A 42 17.37 -6.69 -9.08
CA SER A 42 18.17 -6.46 -10.28
CA SER A 42 18.18 -6.49 -10.29
C SER A 42 19.65 -6.37 -9.95
C SER A 42 19.66 -6.38 -9.95
N SER A 43 19.99 -5.65 -8.89
CA SER A 43 21.38 -5.54 -8.44
C SER A 43 21.93 -6.90 -8.03
N GLU A 44 21.06 -7.78 -7.55
CA GLU A 44 21.50 -9.11 -7.20
C GLU A 44 21.31 -10.10 -8.35
N HIS A 45 21.01 -9.59 -9.55
CA HIS A 45 20.77 -10.43 -10.73
C HIS A 45 19.68 -11.48 -10.51
N LEU A 46 18.65 -11.10 -9.78
CA LEU A 46 17.43 -11.91 -9.66
C LEU A 46 16.30 -11.27 -10.45
N SER A 47 15.27 -12.04 -10.74
CA SER A 47 14.27 -11.62 -11.74
C SER A 47 12.91 -12.15 -11.32
N LEU A 48 11.99 -11.24 -11.09
CA LEU A 48 10.58 -11.59 -10.91
C LEU A 48 10.03 -12.23 -12.17
N GLN A 49 10.42 -11.70 -13.32
CA GLN A 49 9.93 -12.19 -14.58
C GLN A 49 10.28 -13.65 -14.80
N ASN A 50 11.49 -14.06 -14.42
CA ASN A 50 11.90 -15.44 -14.60
C ASN A 50 11.02 -16.38 -13.78
N ILE A 51 10.68 -15.97 -12.58
CA ILE A 51 9.77 -16.74 -11.74
C ILE A 51 8.43 -16.91 -12.47
N ILE A 52 7.89 -15.81 -12.97
CA ILE A 52 6.59 -15.82 -13.63
C ILE A 52 6.62 -16.70 -14.87
N SER A 53 7.65 -16.50 -15.69
CA SER A 53 7.75 -17.16 -16.97
C SER A 53 7.81 -18.68 -16.81
N VAL A 54 8.52 -19.14 -15.79
CA VAL A 54 8.72 -20.57 -15.62
C VAL A 54 7.43 -21.18 -15.05
N GLY A 55 6.74 -20.43 -14.19
CA GLY A 55 5.38 -20.76 -13.77
C GLY A 55 5.27 -21.91 -12.78
N ASP A 56 6.41 -22.32 -12.22
CA ASP A 56 6.41 -23.38 -11.19
C ASP A 56 6.10 -22.79 -9.82
N PHE A 57 6.50 -21.52 -9.62
CA PHE A 57 6.31 -20.84 -8.36
C PHE A 57 5.73 -19.45 -8.55
N ALA A 58 5.17 -18.92 -7.48
CA ALA A 58 4.88 -17.51 -7.43
C ALA A 58 5.52 -16.91 -6.19
N LEU A 59 5.75 -15.60 -6.23
CA LEU A 59 6.24 -14.87 -5.07
C LEU A 59 5.32 -13.70 -4.74
N PRO A 60 4.10 -14.02 -4.35
CA PRO A 60 3.14 -12.97 -4.01
C PRO A 60 3.56 -12.20 -2.76
N LEU A 61 3.24 -10.93 -2.76
CA LEU A 61 3.29 -10.10 -1.59
C LEU A 61 2.04 -10.45 -0.78
N VAL A 62 2.21 -10.80 0.49
CA VAL A 62 1.10 -11.22 1.33
C VAL A 62 0.70 -10.21 2.42
N HIS A 63 1.55 -9.21 2.62
CA HIS A 63 1.28 -8.16 3.58
C HIS A 63 2.04 -6.90 3.16
N ALA A 64 1.40 -5.76 3.34
CA ALA A 64 2.06 -4.48 3.20
C ALA A 64 1.55 -3.54 4.27
N SER A 65 2.44 -2.67 4.75
N SER A 65 2.43 -2.64 4.71
CA SER A 65 2.02 -1.58 5.61
CA SER A 65 2.08 -1.64 5.72
C SER A 65 2.92 -0.38 5.39
C SER A 65 2.96 -0.39 5.53
N ILE A 66 2.38 0.80 5.69
CA ILE A 66 3.12 2.04 5.53
C ILE A 66 2.55 3.12 6.45
N ASP A 67 3.44 3.87 7.10
CA ASP A 67 3.04 5.04 7.89
C ASP A 67 3.66 6.31 7.30
N PHE A 68 2.87 7.38 7.25
CA PHE A 68 3.29 8.62 6.63
C PHE A 68 3.54 9.68 7.69
N PHE A 69 4.70 10.32 7.62
CA PHE A 69 5.13 11.30 8.60
C PHE A 69 5.10 12.71 8.01
N ALA A 70 5.44 12.83 6.73
CA ALA A 70 5.55 14.14 6.09
C ALA A 70 5.42 13.99 4.58
N PRO A 71 4.90 15.03 3.90
CA PRO A 71 4.62 14.93 2.47
C PRO A 71 5.83 15.17 1.60
N ALA A 72 5.76 14.74 0.34
CA ALA A 72 6.71 15.14 -0.68
C ALA A 72 5.99 15.79 -1.85
N HIS A 73 6.74 16.45 -2.72
CA HIS A 73 6.19 17.21 -3.83
C HIS A 73 6.89 16.82 -5.12
N CYS A 74 6.25 17.16 -6.24
CA CYS A 74 6.79 16.97 -7.58
C CYS A 74 8.19 17.53 -7.71
N GLY A 75 9.10 16.73 -8.24
CA GLY A 75 10.46 17.17 -8.44
C GLY A 75 11.40 16.83 -7.30
N ASP A 76 10.86 16.41 -6.15
CA ASP A 76 11.72 16.06 -5.02
C ASP A 76 12.56 14.84 -5.41
N ARG A 77 13.76 14.77 -4.85
CA ARG A 77 14.57 13.57 -4.98
C ARG A 77 14.59 12.83 -3.65
N LEU A 78 14.16 11.58 -3.69
CA LEU A 78 13.95 10.79 -2.47
C LEU A 78 14.94 9.62 -2.44
N LEU A 79 15.22 9.14 -1.23
CA LEU A 79 15.92 7.88 -1.03
C LEU A 79 14.98 6.88 -0.37
N VAL A 80 14.93 5.68 -0.93
CA VAL A 80 14.24 4.57 -0.27
C VAL A 80 15.27 3.58 0.21
N ASN A 81 15.40 3.47 1.53
CA ASN A 81 16.36 2.57 2.12
C ASN A 81 15.69 1.30 2.55
N LEU A 82 16.24 0.19 2.07
CA LEU A 82 15.59 -1.10 2.16
C LEU A 82 16.50 -2.04 2.95
N THR A 83 15.90 -2.75 3.89
CA THR A 83 16.51 -3.93 4.49
C THR A 83 15.65 -5.18 4.28
N ILE A 84 16.29 -6.29 3.88
CA ILE A 84 15.56 -7.55 3.65
C ILE A 84 16.02 -8.63 4.63
N THR A 85 15.05 -9.35 5.17
CA THR A 85 15.25 -10.33 6.24
C THR A 85 14.48 -11.59 5.84
N GLN A 86 15.02 -12.76 6.12
CA GLN A 86 14.27 -14.00 5.92
C GLN A 86 13.54 -14.37 7.19
N ALA A 87 12.22 -14.45 7.13
CA ALA A 87 11.41 -14.72 8.33
C ALA A 87 11.12 -16.23 8.52
N SER A 88 11.16 -17.00 7.43
CA SER A 88 10.87 -18.43 7.48
C SER A 88 11.44 -19.08 6.24
N ALA A 89 11.25 -20.39 6.10
CA ALA A 89 11.74 -21.09 4.92
C ALA A 89 11.12 -20.47 3.67
N HIS A 90 9.92 -19.92 3.81
CA HIS A 90 9.11 -19.60 2.65
C HIS A 90 8.77 -18.12 2.58
N ARG A 91 9.23 -17.33 3.55
CA ARG A 91 8.80 -15.93 3.69
C ARG A 91 10.01 -15.02 3.92
N PHE A 92 10.00 -13.87 3.26
CA PHE A 92 10.92 -12.81 3.60
C PHE A 92 10.21 -11.48 3.81
N CYS A 93 10.90 -10.55 4.46
N CYS A 93 10.89 -10.58 4.53
CA CYS A 93 10.30 -9.29 4.89
CA CYS A 93 10.35 -9.28 4.89
C CYS A 93 11.20 -8.12 4.53
C CYS A 93 11.25 -8.20 4.32
N CYS A 94 10.63 -7.17 3.77
CA CYS A 94 11.32 -5.95 3.40
C CYS A 94 10.90 -4.79 4.30
N ASP A 95 11.88 -4.05 4.81
CA ASP A 95 11.65 -2.86 5.67
C ASP A 95 12.19 -1.65 4.96
N TYR A 96 11.38 -0.60 4.87
CA TYR A 96 11.73 0.56 4.05
C TYR A 96 11.66 1.81 4.90
N GLU A 97 12.60 2.72 4.67
CA GLU A 97 12.43 4.11 5.08
C GLU A 97 12.57 5.00 3.87
N ILE A 98 11.65 5.96 3.74
CA ILE A 98 11.68 6.91 2.62
C ILE A 98 12.01 8.31 3.17
N SER A 99 13.04 8.91 2.60
CA SER A 99 13.52 10.19 3.08
C SER A 99 13.81 11.13 1.90
N GLN A 100 13.84 12.43 2.18
CA GLN A 100 14.40 13.41 1.26
C GLN A 100 15.91 13.22 1.14
N ALA A 101 16.42 13.23 -0.08
CA ALA A 101 17.82 12.91 -0.30
C ALA A 101 18.69 13.96 0.37
N GLU A 102 18.29 15.22 0.30
CA GLU A 102 19.17 16.32 0.69
C GLU A 102 19.10 16.61 2.18
N SER A 103 17.87 16.72 2.69
CA SER A 103 17.65 17.07 4.09
C SER A 103 17.63 15.86 5.01
N ALA A 104 17.43 14.67 4.43
CA ALA A 104 17.31 13.43 5.20
C ALA A 104 16.03 13.37 6.05
N GLN A 105 15.12 14.31 5.84
CA GLN A 105 13.82 14.23 6.46
C GLN A 105 13.14 12.90 6.15
N LEU A 106 12.75 12.19 7.20
CA LEU A 106 11.97 10.95 7.07
C LEU A 106 10.51 11.22 6.70
N LEU A 107 10.10 10.69 5.56
CA LEU A 107 8.75 10.91 5.06
C LEU A 107 7.79 9.75 5.42
N ALA A 108 8.31 8.53 5.41
CA ALA A 108 7.48 7.34 5.58
C ALA A 108 8.34 6.15 5.97
N ARG A 109 7.74 5.20 6.69
CA ARG A 109 8.31 3.87 6.90
C ARG A 109 7.30 2.83 6.39
N ALA A 110 7.80 1.69 5.93
CA ALA A 110 6.92 0.66 5.37
C ALA A 110 7.52 -0.73 5.56
N GLN A 111 6.65 -1.74 5.39
CA GLN A 111 7.06 -3.13 5.35
C GLN A 111 6.27 -3.84 4.26
N THR A 112 6.92 -4.77 3.56
CA THR A 112 6.22 -5.73 2.72
C THR A 112 6.71 -7.15 3.04
N HIS A 113 5.80 -8.11 3.06
CA HIS A 113 6.14 -9.51 3.28
C HIS A 113 5.78 -10.30 2.02
N HIS A 114 6.62 -11.25 1.69
CA HIS A 114 6.55 -11.98 0.43
C HIS A 114 6.73 -13.45 0.74
N VAL A 115 5.97 -14.30 0.06
CA VAL A 115 6.10 -15.72 0.26
C VAL A 115 6.24 -16.43 -1.05
N CYS A 116 6.95 -17.55 -1.02
CA CYS A 116 7.08 -18.39 -2.18
C CYS A 116 6.04 -19.50 -2.10
N ILE A 117 5.26 -19.64 -3.17
CA ILE A 117 4.30 -20.74 -3.27
C ILE A 117 4.48 -21.53 -4.55
N ALA A 118 4.29 -22.84 -4.44
CA ALA A 118 4.27 -23.71 -5.61
C ALA A 118 2.92 -23.59 -6.30
N LEU A 119 2.92 -23.58 -7.62
CA LEU A 119 1.69 -23.50 -8.40
C LEU A 119 1.46 -24.85 -9.07
N PRO A 120 0.18 -25.19 -9.33
CA PRO A 120 -1.03 -24.36 -9.19
C PRO A 120 -1.67 -24.42 -7.81
N GLU A 121 -1.17 -25.30 -6.94
CA GLU A 121 -1.84 -25.62 -5.67
C GLU A 121 -1.74 -24.48 -4.66
N ARG A 122 -0.81 -23.56 -4.89
CA ARG A 122 -0.63 -22.39 -4.03
C ARG A 122 -0.23 -22.78 -2.61
N LYS A 123 0.66 -23.77 -2.48
CA LYS A 123 1.17 -24.20 -1.18
C LYS A 123 2.56 -23.63 -0.93
N LYS A 124 2.85 -23.28 0.33
CA LYS A 124 4.12 -22.65 0.69
C LYS A 124 5.27 -23.52 0.22
N ALA A 125 6.30 -22.88 -0.32
CA ALA A 125 7.52 -23.58 -0.73
C ALA A 125 8.74 -22.80 -0.26
N PRO A 126 9.89 -23.49 -0.13
CA PRO A 126 11.12 -22.79 0.26
C PRO A 126 11.49 -21.74 -0.77
N LEU A 127 11.98 -20.60 -0.30
CA LEU A 127 12.50 -19.58 -1.19
C LEU A 127 13.50 -20.19 -2.16
N PRO A 128 13.52 -19.70 -3.40
CA PRO A 128 14.61 -20.09 -4.30
C PRO A 128 15.97 -19.82 -3.66
N GLN A 129 16.92 -20.74 -3.82
CA GLN A 129 18.19 -20.62 -3.10
C GLN A 129 18.92 -19.31 -3.47
N PRO A 130 18.92 -18.94 -4.76
CA PRO A 130 19.59 -17.70 -5.13
C PRO A 130 19.01 -16.49 -4.40
N TRP A 131 17.71 -16.54 -4.10
CA TRP A 131 17.07 -15.46 -3.38
C TRP A 131 17.50 -15.46 -1.91
N GLN A 132 17.47 -16.63 -1.30
CA GLN A 132 18.01 -16.81 0.05
C GLN A 132 19.45 -16.31 0.14
N THR A 133 20.26 -16.69 -0.83
CA THR A 133 21.65 -16.29 -0.85
C THR A 133 21.80 -14.77 -0.89
N ALA A 134 21.05 -14.11 -1.76
CA ALA A 134 21.03 -12.64 -1.83
C ALA A 134 20.61 -11.99 -0.51
N ILE A 135 19.59 -12.55 0.13
CA ILE A 135 19.12 -11.99 1.39
C ILE A 135 20.18 -12.13 2.48
N CYS A 136 20.87 -13.27 2.52
CA CYS A 136 21.95 -13.54 3.49
C CYS A 136 23.08 -12.55 3.30
N ASP A 137 23.34 -12.23 2.03
CA ASP A 137 24.31 -11.19 1.69
C ASP A 137 25.65 -11.38 2.41
N LEU A 138 26.24 -12.57 2.29
CA LEU A 138 27.51 -12.84 2.96
C LEU A 138 28.71 -12.14 2.32
N ASP A 139 28.50 -11.53 1.15
N ASP A 139 28.55 -11.53 1.15
CA ASP A 139 29.58 -10.83 0.46
CA ASP A 139 29.69 -10.84 0.53
C ASP A 139 29.89 -9.47 1.10
C ASP A 139 29.69 -9.33 0.82
N HIS A 140 28.93 -8.92 1.83
CA HIS A 140 29.12 -7.61 2.50
C HIS A 140 29.04 -7.73 4.02
N PRO A 141 29.74 -6.84 4.75
CA PRO A 141 29.44 -6.70 6.18
C PRO A 141 28.04 -6.10 6.41
N THR B 6 -21.85 -1.87 7.07
CA THR B 6 -20.83 -1.48 6.05
C THR B 6 -21.44 -0.67 4.90
N PHE B 7 -20.63 0.20 4.33
CA PHE B 7 -20.82 0.71 2.98
C PHE B 7 -20.21 -0.31 2.02
N THR B 8 -20.94 -0.69 0.97
CA THR B 8 -20.38 -1.62 -0.03
C THR B 8 -20.10 -0.92 -1.35
N TYR B 9 -18.85 -0.98 -1.78
CA TYR B 9 -18.40 -0.39 -3.02
C TYR B 9 -18.14 -1.51 -4.04
N GLU B 10 -18.83 -1.44 -5.17
CA GLU B 10 -18.65 -2.43 -6.22
C GLU B 10 -17.57 -1.99 -7.19
N ARG B 11 -16.64 -2.89 -7.48
CA ARG B 11 -15.50 -2.54 -8.30
C ARG B 11 -15.17 -3.68 -9.26
N GLN B 12 -15.24 -3.41 -10.56
CA GLN B 12 -14.74 -4.34 -11.55
C GLN B 12 -13.22 -4.22 -11.64
N VAL B 13 -12.55 -5.36 -11.79
CA VAL B 13 -11.10 -5.34 -12.05
C VAL B 13 -10.83 -5.02 -13.52
N TYR B 14 -10.02 -4.00 -13.77
CA TYR B 14 -9.64 -3.64 -15.13
C TYR B 14 -8.23 -4.12 -15.41
N LEU B 15 -7.89 -4.17 -16.68
CA LEU B 15 -6.60 -4.64 -17.10
C LEU B 15 -5.48 -3.90 -16.36
N ALA B 16 -5.63 -2.58 -16.21
CA ALA B 16 -4.59 -1.75 -15.58
C ALA B 16 -4.38 -2.10 -14.10
N ASP B 17 -5.39 -2.71 -13.47
CA ASP B 17 -5.27 -3.15 -12.07
C ASP B 17 -4.34 -4.34 -11.92
N THR B 18 -4.08 -5.03 -13.03
CA THR B 18 -3.37 -6.31 -12.99
C THR B 18 -1.91 -6.13 -13.39
N ASP B 19 -1.10 -7.16 -13.14
CA ASP B 19 0.31 -7.12 -13.45
C ASP B 19 0.76 -8.35 -14.23
N GLY B 20 2.04 -8.38 -14.56
CA GLY B 20 2.57 -9.39 -15.46
C GLY B 20 2.57 -10.79 -14.87
N ALA B 21 2.30 -10.92 -13.58
CA ALA B 21 2.14 -12.24 -12.97
C ALA B 21 0.75 -12.79 -13.23
N GLY B 22 -0.11 -11.95 -13.78
CA GLY B 22 -1.39 -12.40 -14.28
C GLY B 22 -2.54 -11.96 -13.40
N VAL B 23 -2.22 -11.31 -12.28
CA VAL B 23 -3.20 -11.06 -11.22
C VAL B 23 -3.21 -9.59 -10.82
N VAL B 24 -4.16 -9.19 -9.97
CA VAL B 24 -4.17 -7.84 -9.43
C VAL B 24 -2.86 -7.52 -8.67
N TYR B 25 -2.23 -6.41 -9.06
CA TYR B 25 -1.07 -5.85 -8.37
C TYR B 25 -1.42 -5.37 -6.97
N PHE B 26 -0.54 -5.65 -6.03
CA PHE B 26 -0.88 -5.54 -4.61
C PHE B 26 -1.46 -4.17 -4.25
N ASN B 27 -0.86 -3.10 -4.73
CA ASN B 27 -1.32 -1.82 -4.24
C ASN B 27 -2.54 -1.30 -4.98
N GLN B 28 -2.91 -1.97 -6.07
CA GLN B 28 -4.20 -1.66 -6.69
C GLN B 28 -5.38 -2.04 -5.81
N PHE B 29 -5.23 -3.06 -4.99
CA PHE B 29 -6.26 -3.36 -3.99
C PHE B 29 -6.42 -2.18 -3.01
N LEU B 30 -5.30 -1.58 -2.60
CA LEU B 30 -5.34 -0.41 -1.73
C LEU B 30 -5.97 0.80 -2.44
N GLN B 31 -5.72 0.93 -3.73
CA GLN B 31 -6.42 1.95 -4.55
C GLN B 31 -7.94 1.77 -4.49
N MET B 32 -8.39 0.52 -4.62
CA MET B 32 -9.81 0.23 -4.57
C MET B 32 -10.42 0.58 -3.22
N CYS B 33 -9.63 0.39 -2.16
CA CYS B 33 -10.02 0.78 -0.81
C CYS B 33 -10.21 2.30 -0.73
N HIS B 34 -9.25 3.06 -1.23
CA HIS B 34 -9.38 4.51 -1.17
C HIS B 34 -10.59 4.97 -1.99
N GLU B 35 -10.86 4.32 -3.11
CA GLU B 35 -12.06 4.61 -3.90
C GLU B 35 -13.32 4.38 -3.09
N ALA B 36 -13.36 3.30 -2.31
CA ALA B 36 -14.55 2.98 -1.53
C ALA B 36 -14.76 4.11 -0.52
N TYR B 37 -13.66 4.52 0.12
CA TYR B 37 -13.66 5.65 1.05
C TYR B 37 -14.20 6.91 0.38
N GLU B 38 -13.66 7.27 -0.78
CA GLU B 38 -14.15 8.46 -1.52
C GLU B 38 -15.63 8.35 -1.90
N SER B 39 -16.10 7.15 -2.24
N SER B 39 -16.08 7.15 -2.24
CA SER B 39 -17.50 6.97 -2.61
CA SER B 39 -17.47 6.92 -2.62
C SER B 39 -18.39 7.13 -1.38
C SER B 39 -18.40 7.08 -1.40
N TRP B 40 -17.93 6.61 -0.25
CA TRP B 40 -18.67 6.78 0.98
C TRP B 40 -18.78 8.27 1.33
N LEU B 41 -17.66 8.98 1.22
CA LEU B 41 -17.65 10.43 1.48
C LEU B 41 -18.69 11.14 0.63
N SER B 42 -18.75 10.79 -0.64
CA SER B 42 -19.65 11.43 -1.58
C SER B 42 -21.10 11.12 -1.23
N SER B 43 -21.36 9.88 -0.81
CA SER B 43 -22.71 9.50 -0.36
C SER B 43 -23.15 10.29 0.87
N GLU B 44 -22.18 10.68 1.70
CA GLU B 44 -22.46 11.47 2.90
C GLU B 44 -22.36 12.97 2.63
N HIS B 45 -22.28 13.32 1.35
CA HIS B 45 -22.17 14.71 0.93
C HIS B 45 -20.98 15.38 1.58
N LEU B 46 -19.95 14.59 1.83
CA LEU B 46 -18.65 15.13 2.15
C LEU B 46 -17.82 15.05 0.86
N SER B 47 -16.70 15.73 0.86
CA SER B 47 -16.00 15.98 -0.39
C SER B 47 -14.56 16.14 -0.02
N LEU B 48 -13.74 15.21 -0.47
CA LEU B 48 -12.32 15.32 -0.24
C LEU B 48 -11.79 16.55 -0.94
N GLN B 49 -12.34 16.82 -2.13
CA GLN B 49 -11.92 17.96 -2.93
C GLN B 49 -12.21 19.27 -2.19
N ASN B 50 -13.29 19.29 -1.42
CA ASN B 50 -13.66 20.50 -0.72
C ASN B 50 -12.62 20.90 0.33
N ILE B 51 -12.23 19.96 1.16
CA ILE B 51 -11.25 20.24 2.20
C ILE B 51 -9.89 20.60 1.61
N ILE B 52 -9.51 19.90 0.54
CA ILE B 52 -8.27 20.22 -0.15
C ILE B 52 -8.32 21.65 -0.66
N SER B 53 -9.45 22.02 -1.23
CA SER B 53 -9.63 23.34 -1.79
C SER B 53 -9.57 24.46 -0.74
N VAL B 54 -10.01 24.18 0.48
CA VAL B 54 -10.04 25.24 1.49
C VAL B 54 -8.64 25.49 2.04
N GLY B 55 -8.03 24.43 2.55
CA GLY B 55 -6.61 24.46 2.86
C GLY B 55 -6.28 25.35 4.05
N ASP B 56 -7.24 25.57 4.93
CA ASP B 56 -6.94 25.80 6.34
C ASP B 56 -6.77 24.46 7.06
N PHE B 57 -7.26 23.39 6.44
CA PHE B 57 -7.14 22.05 7.01
C PHE B 57 -6.76 21.02 5.95
N ALA B 58 -6.22 19.90 6.41
CA ALA B 58 -6.08 18.74 5.57
C ALA B 58 -6.58 17.50 6.29
N LEU B 59 -6.90 16.46 5.53
CA LEU B 59 -7.32 15.20 6.11
C LEU B 59 -6.54 14.05 5.51
N PRO B 60 -5.22 14.03 5.77
CA PRO B 60 -4.33 13.05 5.15
C PRO B 60 -4.53 11.64 5.69
N LEU B 61 -4.29 10.67 4.83
CA LEU B 61 -4.07 9.30 5.23
C LEU B 61 -2.67 9.19 5.82
N VAL B 62 -2.59 8.64 7.04
CA VAL B 62 -1.32 8.56 7.77
C VAL B 62 -0.84 7.13 7.96
N HIS B 63 -1.71 6.16 7.71
CA HIS B 63 -1.34 4.76 7.76
C HIS B 63 -2.17 3.98 6.75
N ALA B 64 -1.54 3.03 6.08
CA ALA B 64 -2.26 2.03 5.33
C ALA B 64 -1.61 0.66 5.53
N SER B 65 -2.44 -0.36 5.68
CA SER B 65 -1.96 -1.72 5.66
C SER B 65 -2.98 -2.70 5.09
N ILE B 66 -2.49 -3.82 4.57
CA ILE B 66 -3.30 -4.76 3.82
C ILE B 66 -2.68 -6.14 3.89
N ASP B 67 -3.54 -7.15 4.14
CA ASP B 67 -3.17 -8.56 3.99
C ASP B 67 -3.88 -9.16 2.79
N PHE B 68 -3.17 -10.04 2.07
CA PHE B 68 -3.67 -10.65 0.85
C PHE B 68 -3.90 -12.14 1.08
N PHE B 69 -5.04 -12.66 0.62
CA PHE B 69 -5.41 -14.05 0.89
C PHE B 69 -5.53 -14.89 -0.36
N ALA B 70 -5.86 -14.25 -1.46
CA ALA B 70 -6.10 -14.91 -2.73
C ALA B 70 -6.08 -13.86 -3.81
N PRO B 71 -5.64 -14.24 -5.00
CA PRO B 71 -5.51 -13.29 -6.09
C PRO B 71 -6.83 -13.02 -6.79
N ALA B 72 -6.91 -11.89 -7.46
CA ALA B 72 -7.99 -11.64 -8.41
C ALA B 72 -7.45 -11.42 -9.82
N HIS B 73 -8.35 -11.47 -10.80
CA HIS B 73 -7.97 -11.35 -12.21
C HIS B 73 -8.80 -10.30 -12.92
N CYS B 74 -8.28 -9.82 -14.04
CA CYS B 74 -8.99 -8.93 -14.94
C CYS B 74 -10.40 -9.43 -15.20
N GLY B 75 -11.37 -8.55 -15.00
CA GLY B 75 -12.77 -8.86 -15.33
C GLY B 75 -13.56 -9.30 -14.10
N ASP B 76 -12.87 -9.64 -13.02
CA ASP B 76 -13.56 -10.08 -11.81
C ASP B 76 -14.42 -8.93 -11.29
N ARG B 77 -15.53 -9.28 -10.66
CA ARG B 77 -16.35 -8.28 -9.99
C ARG B 77 -16.17 -8.41 -8.50
N LEU B 78 -15.65 -7.35 -7.89
CA LEU B 78 -15.31 -7.37 -6.47
C LEU B 78 -16.25 -6.49 -5.68
N LEU B 79 -16.37 -6.79 -4.39
CA LEU B 79 -17.03 -5.92 -3.42
C LEU B 79 -16.02 -5.49 -2.39
N VAL B 80 -15.96 -4.18 -2.15
CA VAL B 80 -15.16 -3.65 -1.05
C VAL B 80 -16.10 -3.17 0.03
N ASN B 81 -16.10 -3.87 1.17
CA ASN B 81 -16.95 -3.52 2.27
C ASN B 81 -16.19 -2.69 3.28
N LEU B 82 -16.76 -1.53 3.59
CA LEU B 82 -16.05 -0.49 4.34
C LEU B 82 -16.84 -0.20 5.61
N THR B 83 -16.14 -0.24 6.74
CA THR B 83 -16.68 0.30 7.96
C THR B 83 -15.61 1.11 8.65
N ILE B 84 -16.04 2.04 9.49
CA ILE B 84 -15.17 3.08 9.97
C ILE B 84 -15.47 3.31 11.43
N THR B 85 -14.42 3.48 12.22
CA THR B 85 -14.59 3.86 13.60
C THR B 85 -13.68 5.04 13.91
N GLN B 86 -14.12 5.89 14.81
CA GLN B 86 -13.29 6.99 15.25
C GLN B 86 -12.37 6.53 16.38
N ALA B 87 -11.08 6.67 16.18
CA ALA B 87 -10.07 6.10 17.10
C ALA B 87 -9.68 7.11 18.19
N SER B 88 -9.90 8.39 17.91
CA SER B 88 -9.52 9.43 18.86
C SER B 88 -10.13 10.74 18.37
N ALA B 89 -9.80 11.84 19.03
CA ALA B 89 -10.35 13.14 18.66
C ALA B 89 -9.96 13.52 17.23
N HIS B 90 -8.81 13.02 16.79
CA HIS B 90 -8.17 13.54 15.59
C HIS B 90 -8.15 12.53 14.47
N ARG B 91 -8.50 11.28 14.78
CA ARG B 91 -8.11 10.15 13.94
C ARG B 91 -9.27 9.17 13.75
N PHE B 92 -9.50 8.75 12.52
CA PHE B 92 -10.40 7.63 12.24
C PHE B 92 -9.74 6.48 11.49
N CYS B 93 -10.35 5.31 11.62
CA CYS B 93 -9.79 4.08 11.08
C CYS B 93 -10.84 3.41 10.19
N CYS B 94 -10.51 3.25 8.91
CA CYS B 94 -11.36 2.55 7.95
C CYS B 94 -10.92 1.10 7.85
N ASP B 95 -11.88 0.19 8.01
CA ASP B 95 -11.62 -1.22 7.77
C ASP B 95 -12.28 -1.65 6.47
N TYR B 96 -11.53 -2.38 5.66
CA TYR B 96 -12.02 -2.85 4.39
C TYR B 96 -11.86 -4.35 4.28
N GLU B 97 -12.88 -4.98 3.70
CA GLU B 97 -12.77 -6.35 3.26
C GLU B 97 -13.08 -6.44 1.78
N ILE B 98 -12.17 -7.03 1.01
CA ILE B 98 -12.36 -7.14 -0.42
C ILE B 98 -12.65 -8.60 -0.80
N SER B 99 -13.78 -8.83 -1.47
CA SER B 99 -14.20 -10.19 -1.76
C SER B 99 -14.67 -10.29 -3.20
N GLN B 100 -14.73 -11.52 -3.72
CA GLN B 100 -15.45 -11.78 -4.95
C GLN B 100 -16.96 -11.62 -4.73
N ALA B 101 -17.61 -10.88 -5.62
CA ALA B 101 -19.02 -10.57 -5.47
C ALA B 101 -19.89 -11.83 -5.42
N GLU B 102 -19.66 -12.76 -6.32
CA GLU B 102 -20.58 -13.89 -6.47
C GLU B 102 -20.36 -15.03 -5.46
N SER B 103 -19.13 -15.15 -4.92
CA SER B 103 -18.78 -16.29 -4.07
C SER B 103 -18.40 -15.85 -2.66
N ALA B 104 -18.10 -14.57 -2.51
CA ALA B 104 -17.63 -14.01 -1.26
C ALA B 104 -16.26 -14.56 -0.85
N GLN B 105 -15.55 -15.16 -1.81
CA GLN B 105 -14.14 -15.47 -1.59
C GLN B 105 -13.43 -14.23 -1.09
N LEU B 106 -12.82 -14.35 0.09
CA LEU B 106 -12.01 -13.28 0.66
C LEU B 106 -10.69 -13.09 -0.07
N LEU B 107 -10.44 -11.88 -0.54
CA LEU B 107 -9.20 -11.60 -1.28
C LEU B 107 -8.21 -10.81 -0.44
N ALA B 108 -8.71 -9.84 0.31
CA ALA B 108 -7.84 -9.00 1.12
C ALA B 108 -8.62 -8.38 2.27
N ARG B 109 -7.89 -8.04 3.33
CA ARG B 109 -8.40 -7.18 4.40
C ARG B 109 -7.43 -6.02 4.61
N ALA B 110 -7.95 -4.82 4.82
CA ALA B 110 -7.10 -3.65 4.88
C ALA B 110 -7.57 -2.66 5.94
N GLN B 111 -6.67 -1.75 6.30
CA GLN B 111 -7.03 -0.58 7.11
C GLN B 111 -6.35 0.63 6.54
N THR B 112 -7.04 1.75 6.56
CA THR B 112 -6.41 3.04 6.41
C THR B 112 -6.78 3.91 7.62
N HIS B 113 -5.83 4.70 8.08
CA HIS B 113 -6.07 5.66 9.13
C HIS B 113 -5.85 7.07 8.61
N HIS B 114 -6.66 8.00 9.12
CA HIS B 114 -6.74 9.32 8.56
C HIS B 114 -6.82 10.28 9.74
N VAL B 115 -6.13 11.42 9.63
CA VAL B 115 -6.16 12.42 10.70
C VAL B 115 -6.47 13.79 10.11
N CYS B 116 -7.09 14.64 10.92
CA CYS B 116 -7.28 16.02 10.53
C CYS B 116 -6.14 16.86 11.06
N ILE B 117 -5.56 17.70 10.19
CA ILE B 117 -4.54 18.66 10.61
C ILE B 117 -4.88 20.07 10.15
N ALA B 118 -4.53 21.04 10.99
CA ALA B 118 -4.56 22.46 10.62
C ALA B 118 -3.32 22.82 9.81
N LEU B 119 -3.50 23.56 8.71
CA LEU B 119 -2.40 24.01 7.87
C LEU B 119 -2.11 25.49 8.15
N PRO B 120 -0.87 25.94 7.88
CA PRO B 120 0.23 25.21 7.25
C PRO B 120 1.10 24.41 8.22
N GLU B 121 0.87 24.57 9.52
CA GLU B 121 1.75 24.03 10.56
C GLU B 121 1.67 22.50 10.67
N ARG B 122 0.60 21.92 10.13
CA ARG B 122 0.40 20.47 10.13
C ARG B 122 0.25 19.91 11.54
N LYS B 123 -0.49 20.61 12.39
CA LYS B 123 -0.75 20.15 13.75
C LYS B 123 -2.14 19.51 13.84
N LYS B 124 -2.24 18.43 14.62
CA LYS B 124 -3.49 17.70 14.76
C LYS B 124 -4.61 18.66 15.10
N ALA B 125 -5.76 18.47 14.46
CA ALA B 125 -6.98 19.19 14.81
C ALA B 125 -8.11 18.17 14.97
N PRO B 126 -9.15 18.52 15.73
CA PRO B 126 -10.30 17.63 15.86
C PRO B 126 -10.93 17.34 14.52
N LEU B 127 -11.32 16.09 14.29
CA LEU B 127 -12.16 15.74 13.16
C LEU B 127 -13.35 16.70 13.12
N PRO B 128 -13.65 17.27 11.93
CA PRO B 128 -14.89 18.01 11.75
C PRO B 128 -16.10 17.18 12.23
N GLN B 129 -17.03 17.82 12.90
CA GLN B 129 -18.20 17.09 13.36
C GLN B 129 -18.93 16.39 12.22
N PRO B 130 -18.98 17.03 11.03
CA PRO B 130 -19.67 16.35 9.93
C PRO B 130 -19.08 14.99 9.62
N TRP B 131 -17.76 14.86 9.74
CA TRP B 131 -17.12 13.56 9.54
C TRP B 131 -17.46 12.63 10.70
N GLN B 132 -17.37 13.13 11.93
CA GLN B 132 -17.77 12.37 13.10
C GLN B 132 -19.19 11.84 12.99
N THR B 133 -20.10 12.69 12.54
CA THR B 133 -21.50 12.34 12.42
C THR B 133 -21.66 11.21 11.40
N ALA B 134 -21.01 11.35 10.24
CA ALA B 134 -21.07 10.33 9.18
C ALA B 134 -20.53 8.99 9.67
N ILE B 135 -19.42 9.06 10.41
CA ILE B 135 -18.77 7.85 10.92
C ILE B 135 -19.70 7.12 11.90
N CYS B 136 -20.39 7.88 12.75
CA CYS B 136 -21.36 7.31 13.68
C CYS B 136 -22.45 6.51 12.98
N ASP B 137 -22.82 6.93 11.78
CA ASP B 137 -23.96 6.34 11.08
C ASP B 137 -23.53 5.02 10.45
N LEU B 138 -22.23 4.85 10.29
CA LEU B 138 -21.66 3.65 9.73
C LEU B 138 -21.22 2.71 10.84
N ASP B 139 -21.96 1.63 11.03
CA ASP B 139 -21.82 0.85 12.26
C ASP B 139 -20.54 0.02 12.24
N HIS B 140 -19.79 0.10 13.33
CA HIS B 140 -18.53 -0.62 13.46
C HIS B 140 -18.57 -1.48 14.74
N PRO B 141 -18.24 -2.78 14.61
CA PRO B 141 -18.29 -3.72 15.72
C PRO B 141 -17.72 -3.16 17.03
C1 EDO C . -0.21 -2.04 -13.15
O1 EDO C . -0.83 -2.00 -11.86
C2 EDO C . -0.92 -3.00 -14.12
O2 EDO C . -1.20 -2.37 -15.40
#